data_5DCL
#
_entry.id   5DCL
#
_cell.length_a   57.050
_cell.length_b   107.130
_cell.length_c   39.480
_cell.angle_alpha   90.00
_cell.angle_beta   90.00
_cell.angle_gamma   90.00
#
_symmetry.space_group_name_H-M   'P 21 21 2'
#
loop_
_entity.id
_entity.type
_entity.pdbx_description
1 polymer 'PhoB family transcriptional regulator'
2 non-polymer 1,2-ETHANEDIOL
3 water water
#
_entity_poly.entity_id   1
_entity_poly.type   'polypeptide(L)'
_entity_poly.pdbx_seq_one_letter_code
;MSQEQGKIYIVEDDMTIVSLLKDHLSASYHVSSVSNFRDVKQEIIAFQPDLILMDITLPYFNGFYWTAELRKFLTIPIIF
ISSSNDEMDMVMALNMGGDDFISKPFSLAVLDAKLTAILRRSQQFIQQELTFGGFTLTREGLLSSQDKEVILSPTENKIL
SILLMHPKQVVSKESLLEKLWENDSFIDQNTLNVNMTRLRKKIVPIGFDYIHTVRGVGYLLQDPNSSSVDKLAAALEHHH
HHH
;
_entity_poly.pdbx_strand_id   A,B
#
loop_
_chem_comp.id
_chem_comp.type
_chem_comp.name
_chem_comp.formula
EDO non-polymer 1,2-ETHANEDIOL 'C2 H6 O2'
#
# COMPACT_ATOMS: atom_id res chain seq x y z
N GLU A 4 5.81 31.13 11.47
CA GLU A 4 6.60 30.88 10.27
C GLU A 4 7.42 29.59 10.40
N GLN A 5 7.00 28.72 11.31
CA GLN A 5 7.63 27.42 11.42
C GLN A 5 7.28 26.57 10.20
N GLY A 6 8.11 25.57 9.93
CA GLY A 6 7.83 24.61 8.88
C GLY A 6 6.60 23.79 9.22
N LYS A 7 5.84 23.43 8.19
CA LYS A 7 4.60 22.70 8.34
C LYS A 7 4.76 21.23 7.97
N ILE A 8 4.35 20.36 8.89
CA ILE A 8 4.43 18.91 8.69
C ILE A 8 3.02 18.32 8.72
N TYR A 9 2.67 17.58 7.66
CA TYR A 9 1.38 16.87 7.60
C TYR A 9 1.64 15.39 7.83
N ILE A 10 0.95 14.80 8.79
CA ILE A 10 1.14 13.42 9.19
C ILE A 10 -0.02 12.54 8.75
N VAL A 11 0.32 11.52 7.96
CA VAL A 11 -0.66 10.51 7.54
C VAL A 11 -0.47 9.26 8.38
N GLU A 12 -1.33 9.12 9.37
CA GLU A 12 -1.17 8.12 10.39
C GLU A 12 -2.54 7.89 11.04
N ASP A 13 -2.91 6.63 11.28
CA ASP A 13 -4.20 6.40 11.90
C ASP A 13 -4.08 5.99 13.37
N ASP A 14 -2.84 5.76 13.82
CA ASP A 14 -2.58 5.42 15.22
C ASP A 14 -2.53 6.70 16.04
N MET A 15 -3.52 6.91 16.89
CA MET A 15 -3.63 8.16 17.63
C MET A 15 -2.53 8.31 18.66
N THR A 16 -1.99 7.19 19.14
CA THR A 16 -0.86 7.22 20.05
C THR A 16 0.35 7.83 19.36
N ILE A 17 0.62 7.35 18.15
CA ILE A 17 1.73 7.86 17.37
C ILE A 17 1.51 9.33 17.00
N VAL A 18 0.29 9.67 16.60
CA VAL A 18 -0.02 11.04 16.24
C VAL A 18 0.16 11.97 17.45
N SER A 19 -0.33 11.55 18.60
CA SER A 19 -0.21 12.37 19.80
C SER A 19 1.26 12.51 20.18
N LEU A 20 1.99 11.41 20.08
CA LEU A 20 3.42 11.39 20.38
C LEU A 20 4.18 12.41 19.52
N LEU A 21 3.88 12.42 18.23
CA LEU A 21 4.60 13.27 17.30
C LEU A 21 4.18 14.73 17.43
N LYS A 22 2.88 14.95 17.65
CA LYS A 22 2.41 16.31 17.85
C LYS A 22 3.03 16.92 19.11
N ASP A 23 3.05 16.15 20.19
CA ASP A 23 3.65 16.62 21.45
C ASP A 23 5.10 17.01 21.26
N HIS A 24 5.85 16.16 20.57
CA HIS A 24 7.28 16.35 20.43
C HIS A 24 7.63 17.45 19.41
N LEU A 25 6.96 17.44 18.27
CA LEU A 25 7.34 18.28 17.15
C LEU A 25 6.75 19.68 17.20
N SER A 26 5.71 19.87 18.01
CA SER A 26 5.00 21.15 18.00
C SER A 26 5.87 22.29 18.51
N ALA A 27 6.85 21.96 19.33
CA ALA A 27 7.80 22.97 19.78
C ALA A 27 8.45 23.67 18.58
N SER A 28 8.76 22.90 17.54
CA SER A 28 9.54 23.38 16.41
C SER A 28 8.79 23.50 15.07
N TYR A 29 7.61 22.88 14.98
CA TYR A 29 6.89 22.84 13.69
C TYR A 29 5.40 23.08 13.86
N HIS A 30 4.75 23.53 12.78
CA HIS A 30 3.29 23.48 12.69
C HIS A 30 2.88 22.08 12.24
N VAL A 31 2.27 21.31 13.12
CA VAL A 31 2.00 19.91 12.85
C VAL A 31 0.51 19.62 12.74
N SER A 32 0.11 19.05 11.62
CA SER A 32 -1.27 18.66 11.43
C SER A 32 -1.31 17.21 11.02
N SER A 33 -2.38 16.54 11.37
CA SER A 33 -2.57 15.15 10.95
C SER A 33 -3.85 15.07 10.13
N VAL A 34 -4.00 13.96 9.42
CA VAL A 34 -5.14 13.77 8.54
C VAL A 34 -6.48 13.81 9.30
N SER A 35 -7.45 14.55 8.78
CA SER A 35 -8.77 14.54 9.39
C SER A 35 -9.66 13.50 8.74
N ASN A 36 -9.67 13.50 7.42
CA ASN A 36 -10.47 12.55 6.63
C ASN A 36 -9.55 11.87 5.62
N PHE A 37 -9.42 10.55 5.76
CA PHE A 37 -8.53 9.82 4.86
C PHE A 37 -9.02 9.82 3.41
N ARG A 38 -10.29 10.17 3.19
CA ARG A 38 -10.80 10.27 1.82
C ARG A 38 -10.66 11.67 1.25
N ASP A 39 -9.96 12.57 1.97
CA ASP A 39 -9.82 13.95 1.54
C ASP A 39 -8.36 14.45 1.60
N VAL A 40 -7.40 13.56 1.43
CA VAL A 40 -6.02 13.95 1.70
C VAL A 40 -5.48 14.98 0.69
N LYS A 41 -5.85 14.86 -0.58
CA LYS A 41 -5.40 15.84 -1.56
C LYS A 41 -5.88 17.24 -1.22
N GLN A 42 -7.16 17.38 -0.90
CA GLN A 42 -7.69 18.68 -0.50
C GLN A 42 -7.07 19.18 0.81
N GLU A 43 -6.89 18.28 1.78
CA GLU A 43 -6.27 18.69 3.03
C GLU A 43 -4.84 19.22 2.83
N ILE A 44 -4.09 18.58 1.94
CA ILE A 44 -2.75 19.02 1.62
C ILE A 44 -2.74 20.33 0.84
N ILE A 45 -3.67 20.49 -0.10
CA ILE A 45 -3.78 21.74 -0.84
C ILE A 45 -4.08 22.88 0.13
N ALA A 46 -4.96 22.64 1.10
CA ALA A 46 -5.35 23.70 2.03
C ALA A 46 -4.27 24.01 3.08
N PHE A 47 -3.60 22.97 3.58
CA PHE A 47 -2.61 23.14 4.65
C PHE A 47 -1.25 23.59 4.13
N GLN A 48 -0.93 23.21 2.90
CA GLN A 48 0.35 23.54 2.26
C GLN A 48 1.57 23.12 3.08
N PRO A 49 1.71 21.83 3.37
CA PRO A 49 2.84 21.37 4.18
C PRO A 49 4.17 21.55 3.49
N ASP A 50 5.23 21.67 4.29
CA ASP A 50 6.59 21.66 3.77
C ASP A 50 7.15 20.24 3.70
N LEU A 51 6.51 19.33 4.43
CA LEU A 51 6.97 17.94 4.51
C LEU A 51 5.79 17.06 4.90
N ILE A 52 5.74 15.84 4.35
CA ILE A 52 4.72 14.87 4.73
C ILE A 52 5.37 13.66 5.39
N LEU A 53 4.83 13.24 6.52
CA LEU A 53 5.16 11.95 7.12
C LEU A 53 4.08 10.97 6.73
N MET A 54 4.46 9.96 5.94
CA MET A 54 3.50 9.05 5.31
C MET A 54 3.69 7.65 5.84
N ASP A 55 2.80 7.21 6.72
CA ASP A 55 2.86 5.84 7.20
C ASP A 55 2.37 4.92 6.07
N ILE A 56 3.22 3.98 5.68
CA ILE A 56 2.91 3.10 4.55
C ILE A 56 2.43 1.74 5.04
N THR A 57 2.14 1.64 6.34
CA THR A 57 1.66 0.41 6.95
C THR A 57 0.20 0.53 7.42
N LEU A 58 -0.54 1.51 6.89
CA LEU A 58 -1.93 1.64 7.27
C LEU A 58 -2.80 0.67 6.47
N PRO A 59 -3.64 -0.10 7.14
CA PRO A 59 -4.42 -1.11 6.41
C PRO A 59 -5.43 -0.56 5.42
N TYR A 60 -6.02 0.61 5.69
CA TYR A 60 -7.12 1.09 4.86
C TYR A 60 -6.81 2.43 4.22
N PHE A 61 -5.53 2.74 4.11
CA PHE A 61 -5.09 3.87 3.32
C PHE A 61 -3.84 3.43 2.62
N ASN A 62 -3.88 3.31 1.31
CA ASN A 62 -2.78 2.71 0.57
C ASN A 62 -1.65 3.73 0.38
N GLY A 63 -0.69 3.71 1.29
CA GLY A 63 0.35 4.74 1.31
C GLY A 63 1.16 4.74 0.03
N PHE A 64 1.36 3.57 -0.56
CA PHE A 64 2.07 3.44 -1.82
C PHE A 64 1.34 4.12 -2.99
N TYR A 65 0.06 3.78 -3.15
CA TYR A 65 -0.79 4.42 -4.15
C TYR A 65 -0.80 5.93 -3.96
N TRP A 66 -1.04 6.37 -2.72
CA TRP A 66 -1.24 7.79 -2.50
C TRP A 66 0.06 8.57 -2.63
N THR A 67 1.19 7.96 -2.32
CA THR A 67 2.45 8.68 -2.53
C THR A 67 2.70 8.88 -4.01
N ALA A 68 2.43 7.85 -4.82
CA ALA A 68 2.59 8.01 -6.26
C ALA A 68 1.62 9.05 -6.82
N GLU A 69 0.39 9.08 -6.29
CA GLU A 69 -0.58 10.08 -6.74
C GLU A 69 -0.12 11.49 -6.37
N LEU A 70 0.33 11.67 -5.13
CA LEU A 70 0.77 12.98 -4.66
C LEU A 70 2.01 13.45 -5.41
N ARG A 71 2.85 12.52 -5.85
CA ARG A 71 4.06 12.88 -6.59
C ARG A 71 3.79 13.44 -7.98
N LYS A 72 2.57 13.29 -8.47
CA LYS A 72 2.23 13.96 -9.72
C LYS A 72 2.18 15.46 -9.52
N PHE A 73 2.01 15.91 -8.27
CA PHE A 73 1.71 17.30 -7.97
C PHE A 73 2.73 17.98 -7.08
N LEU A 74 3.40 17.20 -6.24
CA LEU A 74 4.24 17.74 -5.17
C LEU A 74 5.71 17.47 -5.36
N THR A 75 6.53 18.44 -4.98
CA THR A 75 7.96 18.24 -4.97
C THR A 75 8.51 18.25 -3.53
N ILE A 76 7.65 18.57 -2.56
CA ILE A 76 8.08 18.56 -1.16
C ILE A 76 8.55 17.18 -0.70
N PRO A 77 9.43 17.14 0.32
CA PRO A 77 9.87 15.86 0.86
C PRO A 77 8.75 15.05 1.48
N ILE A 78 8.83 13.75 1.28
CA ILE A 78 7.93 12.80 1.92
C ILE A 78 8.81 11.77 2.61
N ILE A 79 8.61 11.62 3.92
CA ILE A 79 9.35 10.63 4.69
C ILE A 79 8.38 9.50 5.00
N PHE A 80 8.72 8.28 4.61
CA PHE A 80 7.89 7.14 4.96
C PHE A 80 8.11 6.73 6.39
N ILE A 81 7.02 6.33 7.04
CA ILE A 81 7.07 5.58 8.28
C ILE A 81 6.79 4.15 7.90
N SER A 82 7.78 3.27 8.08
CA SER A 82 7.68 1.88 7.67
C SER A 82 7.71 0.98 8.90
N SER A 83 7.67 -0.33 8.69
CA SER A 83 7.68 -1.27 9.82
C SER A 83 9.04 -1.94 9.96
N SER A 84 9.41 -2.24 11.20
CA SER A 84 10.66 -2.94 11.49
C SER A 84 10.63 -4.29 10.76
N ASN A 85 9.45 -4.92 10.77
CA ASN A 85 9.21 -6.17 10.08
C ASN A 85 9.65 -6.15 8.62
N ASP A 86 9.40 -5.01 7.98
CA ASP A 86 9.22 -4.96 6.53
C ASP A 86 10.47 -4.87 5.65
N GLU A 87 11.59 -4.43 6.22
CA GLU A 87 12.84 -4.30 5.46
C GLU A 87 12.73 -3.35 4.26
N MET A 88 12.93 -2.05 4.51
CA MET A 88 12.95 -1.04 3.45
C MET A 88 14.35 -0.43 3.33
N ASP A 89 14.71 0.04 2.14
CA ASP A 89 15.96 0.74 1.93
C ASP A 89 15.74 2.00 1.09
N MET A 90 16.79 2.79 0.91
CA MET A 90 16.68 4.07 0.22
C MET A 90 16.35 3.93 -1.26
N VAL A 91 16.83 2.84 -1.89
CA VAL A 91 16.48 2.60 -3.29
C VAL A 91 14.98 2.38 -3.41
N MET A 92 14.43 1.54 -2.52
CA MET A 92 13.00 1.27 -2.47
C MET A 92 12.21 2.54 -2.21
N ALA A 93 12.65 3.30 -1.21
CA ALA A 93 11.95 4.51 -0.81
C ALA A 93 11.89 5.49 -1.97
N LEU A 94 13.00 5.65 -2.67
CA LEU A 94 13.06 6.57 -3.79
C LEU A 94 12.18 6.11 -4.94
N ASN A 95 12.20 4.82 -5.24
CA ASN A 95 11.39 4.29 -6.33
C ASN A 95 9.89 4.38 -6.02
N MET A 96 9.58 4.44 -4.73
CA MET A 96 8.19 4.59 -4.31
C MET A 96 7.74 6.04 -4.18
N GLY A 97 8.62 6.99 -4.49
CA GLY A 97 8.24 8.39 -4.43
C GLY A 97 8.66 9.13 -3.17
N GLY A 98 9.36 8.45 -2.27
CA GLY A 98 9.78 9.03 -1.00
C GLY A 98 11.16 9.67 -1.04
N ASP A 99 11.50 10.41 0.00
CA ASP A 99 12.81 11.04 0.08
C ASP A 99 13.67 10.41 1.16
N ASP A 100 13.02 9.72 2.09
CA ASP A 100 13.67 9.10 3.22
C ASP A 100 12.65 8.18 3.88
N PHE A 101 13.09 7.39 4.85
CA PHE A 101 12.18 6.55 5.59
C PHE A 101 12.66 6.37 7.01
N ILE A 102 11.76 6.01 7.89
CA ILE A 102 12.09 5.67 9.27
C ILE A 102 11.18 4.54 9.73
N SER A 103 11.76 3.50 10.34
CA SER A 103 10.98 2.31 10.65
C SER A 103 10.50 2.26 12.10
N LYS A 104 9.26 1.83 12.30
CA LYS A 104 8.70 1.64 13.63
C LYS A 104 9.30 0.39 14.25
N PRO A 105 9.55 0.40 15.58
CA PRO A 105 9.40 1.57 16.44
C PRO A 105 10.61 2.47 16.30
N PHE A 106 10.40 3.78 16.36
CA PHE A 106 11.51 4.67 16.09
C PHE A 106 11.80 5.62 17.24
N SER A 107 13.04 6.08 17.27
CA SER A 107 13.48 7.09 18.22
C SER A 107 13.13 8.49 17.71
N LEU A 108 12.57 9.30 18.58
CA LEU A 108 12.28 10.69 18.24
C LEU A 108 13.55 11.46 17.91
N ALA A 109 14.67 11.06 18.51
CA ALA A 109 15.95 11.70 18.25
C ALA A 109 16.37 11.49 16.80
N VAL A 110 16.14 10.28 16.29
CA VAL A 110 16.50 9.94 14.93
C VAL A 110 15.58 10.68 13.97
N LEU A 111 14.29 10.71 14.30
CA LEU A 111 13.33 11.46 13.50
C LEU A 111 13.69 12.94 13.47
N ASP A 112 14.08 13.50 14.62
CA ASP A 112 14.48 14.90 14.68
C ASP A 112 15.65 15.18 13.75
N ALA A 113 16.62 14.28 13.73
CA ALA A 113 17.81 14.47 12.91
C ALA A 113 17.45 14.40 11.43
N LYS A 114 16.58 13.47 11.06
CA LYS A 114 16.11 13.36 9.68
C LYS A 114 15.31 14.59 9.25
N LEU A 115 14.40 15.05 10.11
CA LEU A 115 13.61 16.25 9.81
C LEU A 115 14.52 17.46 9.64
N THR A 116 15.49 17.61 10.52
CA THR A 116 16.41 18.74 10.49
C THR A 116 17.24 18.75 9.20
N ALA A 117 17.82 17.60 8.88
CA ALA A 117 18.66 17.47 7.70
C ALA A 117 17.87 17.79 6.44
N ILE A 118 16.68 17.24 6.33
CA ILE A 118 15.88 17.34 5.13
C ILE A 118 15.30 18.74 4.91
N LEU A 119 14.74 19.33 5.96
CA LEU A 119 14.11 20.64 5.82
C LEU A 119 15.17 21.70 5.57
N ARG A 120 16.41 21.34 5.90
CA ARG A 120 17.66 21.85 5.32
C ARG A 120 18.84 21.56 6.24
N GLU B 4 -13.89 -27.41 -11.56
CA GLU B 4 -13.31 -26.24 -10.92
C GLU B 4 -12.73 -26.62 -9.56
N GLN B 5 -11.48 -27.07 -9.53
CA GLN B 5 -10.86 -27.53 -8.28
C GLN B 5 -9.90 -26.51 -7.68
N GLY B 6 -9.08 -25.86 -8.49
CA GLY B 6 -8.23 -24.80 -7.99
C GLY B 6 -9.07 -23.65 -7.45
N LYS B 7 -8.67 -23.09 -6.30
CA LYS B 7 -9.40 -22.00 -5.67
C LYS B 7 -8.65 -20.67 -5.79
N ILE B 8 -9.34 -19.65 -6.30
CA ILE B 8 -8.72 -18.33 -6.47
C ILE B 8 -9.53 -17.30 -5.71
N TYR B 9 -8.85 -16.51 -4.87
CA TYR B 9 -9.51 -15.39 -4.17
C TYR B 9 -9.04 -14.08 -4.77
N ILE B 10 -9.98 -13.22 -5.14
CA ILE B 10 -9.66 -11.94 -5.77
C ILE B 10 -9.94 -10.75 -4.87
N VAL B 11 -8.91 -9.97 -4.58
CA VAL B 11 -9.05 -8.74 -3.80
C VAL B 11 -9.13 -7.58 -4.78
N GLU B 12 -10.35 -7.08 -5.01
CA GLU B 12 -10.63 -6.15 -6.08
C GLU B 12 -11.94 -5.46 -5.79
N ASP B 13 -12.02 -4.15 -5.94
CA ASP B 13 -13.28 -3.46 -5.65
C ASP B 13 -13.97 -2.96 -6.91
N ASP B 14 -13.29 -3.06 -8.04
CA ASP B 14 -13.92 -2.83 -9.34
C ASP B 14 -14.81 -4.03 -9.66
N MET B 15 -16.11 -3.85 -9.50
CA MET B 15 -17.03 -4.97 -9.64
C MET B 15 -17.14 -5.46 -11.08
N THR B 16 -16.79 -4.60 -12.04
CA THR B 16 -16.75 -5.03 -13.43
C THR B 16 -15.61 -6.02 -13.66
N ILE B 17 -14.45 -5.73 -13.07
CA ILE B 17 -13.33 -6.64 -13.19
C ILE B 17 -13.62 -7.95 -12.45
N VAL B 18 -14.21 -7.85 -11.26
CA VAL B 18 -14.56 -9.06 -10.51
C VAL B 18 -15.52 -9.93 -11.31
N SER B 19 -16.57 -9.31 -11.84
CA SER B 19 -17.57 -10.02 -12.62
C SER B 19 -16.94 -10.71 -13.84
N LEU B 20 -16.11 -9.98 -14.58
CA LEU B 20 -15.46 -10.54 -15.76
C LEU B 20 -14.54 -11.71 -15.40
N LEU B 21 -13.76 -11.55 -14.34
CA LEU B 21 -12.83 -12.60 -13.91
C LEU B 21 -13.56 -13.83 -13.39
N LYS B 22 -14.59 -13.63 -12.57
CA LYS B 22 -15.39 -14.76 -12.11
C LYS B 22 -15.97 -15.54 -13.29
N ASP B 23 -16.48 -14.81 -14.28
CA ASP B 23 -17.11 -15.47 -15.41
C ASP B 23 -16.08 -16.22 -16.25
N HIS B 24 -14.94 -15.58 -16.49
CA HIS B 24 -13.94 -16.18 -17.34
C HIS B 24 -13.30 -17.39 -16.69
N LEU B 25 -13.00 -17.26 -15.40
CA LEU B 25 -12.25 -18.30 -14.67
C LEU B 25 -13.14 -19.43 -14.16
N SER B 26 -14.46 -19.23 -14.22
CA SER B 26 -15.43 -20.19 -13.69
C SER B 26 -15.26 -21.59 -14.27
N ALA B 27 -14.84 -21.66 -15.54
CA ALA B 27 -14.73 -22.93 -16.24
C ALA B 27 -13.66 -23.83 -15.63
N SER B 28 -12.62 -23.24 -15.06
CA SER B 28 -11.48 -23.99 -14.57
C SER B 28 -11.26 -23.87 -13.07
N TYR B 29 -11.86 -22.86 -12.46
CA TYR B 29 -11.53 -22.53 -11.06
C TYR B 29 -12.72 -22.19 -10.21
N HIS B 30 -12.57 -22.44 -8.91
CA HIS B 30 -13.54 -21.99 -7.92
C HIS B 30 -13.06 -20.60 -7.49
N VAL B 31 -13.85 -19.57 -7.76
CA VAL B 31 -13.41 -18.18 -7.58
C VAL B 31 -14.29 -17.44 -6.58
N SER B 32 -13.63 -16.77 -5.63
CA SER B 32 -14.32 -15.93 -4.68
C SER B 32 -13.73 -14.54 -4.72
N SER B 33 -14.51 -13.55 -4.35
CA SER B 33 -14.00 -12.18 -4.21
C SER B 33 -14.40 -11.65 -2.85
N VAL B 34 -14.22 -10.35 -2.65
CA VAL B 34 -14.42 -9.76 -1.33
C VAL B 34 -15.89 -9.50 -1.03
N SER B 35 -16.36 -10.01 0.10
CA SER B 35 -17.74 -9.74 0.53
C SER B 35 -17.78 -8.52 1.42
N ASN B 36 -16.79 -8.43 2.31
CA ASN B 36 -16.69 -7.33 3.24
C ASN B 36 -15.22 -6.90 3.35
N PHE B 37 -14.89 -5.69 2.91
CA PHE B 37 -13.49 -5.28 2.92
C PHE B 37 -12.92 -5.12 4.32
N ARG B 38 -13.78 -5.17 5.34
CA ARG B 38 -13.34 -5.16 6.74
C ARG B 38 -12.82 -6.53 7.18
N ASP B 39 -13.16 -7.56 6.40
CA ASP B 39 -12.92 -8.94 6.80
C ASP B 39 -12.11 -9.74 5.78
N VAL B 40 -11.29 -9.09 4.96
CA VAL B 40 -10.60 -9.80 3.88
C VAL B 40 -9.70 -10.94 4.39
N LYS B 41 -8.94 -10.70 5.44
CA LYS B 41 -8.05 -11.74 5.95
C LYS B 41 -8.89 -12.96 6.38
N GLN B 42 -9.99 -12.69 7.08
CA GLN B 42 -10.83 -13.77 7.56
C GLN B 42 -11.50 -14.53 6.42
N GLU B 43 -11.92 -13.82 5.38
CA GLU B 43 -12.50 -14.49 4.21
C GLU B 43 -11.48 -15.39 3.54
N ILE B 44 -10.21 -14.96 3.52
CA ILE B 44 -9.16 -15.75 2.91
C ILE B 44 -8.89 -16.99 3.74
N ILE B 45 -8.91 -16.83 5.05
CA ILE B 45 -8.74 -17.96 5.96
C ILE B 45 -9.87 -18.97 5.78
N ALA B 46 -11.10 -18.48 5.64
CA ALA B 46 -12.26 -19.35 5.43
C ALA B 46 -12.24 -20.05 4.07
N PHE B 47 -11.88 -19.31 3.02
CA PHE B 47 -11.97 -19.86 1.66
C PHE B 47 -10.81 -20.80 1.34
N GLN B 48 -9.67 -20.58 1.99
CA GLN B 48 -8.45 -21.36 1.75
C GLN B 48 -8.07 -21.43 0.28
N PRO B 49 -7.83 -20.27 -0.33
CA PRO B 49 -7.47 -20.29 -1.76
C PRO B 49 -6.12 -20.94 -2.01
N ASP B 50 -5.95 -21.40 -3.25
CA ASP B 50 -4.66 -21.85 -3.73
C ASP B 50 -3.85 -20.70 -4.30
N LEU B 51 -4.53 -19.60 -4.61
CA LEU B 51 -3.87 -18.44 -5.20
C LEU B 51 -4.71 -17.22 -4.88
N ILE B 52 -4.04 -16.09 -4.62
CA ILE B 52 -4.71 -14.82 -4.46
C ILE B 52 -4.31 -13.86 -5.55
N LEU B 53 -5.29 -13.17 -6.12
CA LEU B 53 -5.08 -12.02 -7.01
C LEU B 53 -5.31 -10.79 -6.16
N MET B 54 -4.26 -10.02 -5.95
CA MET B 54 -4.28 -8.91 -5.02
C MET B 54 -4.12 -7.59 -5.76
N ASP B 55 -5.18 -6.82 -5.90
CA ASP B 55 -5.04 -5.52 -6.55
C ASP B 55 -4.32 -4.59 -5.56
N ILE B 56 -3.21 -4.00 -6.00
CA ILE B 56 -2.37 -3.18 -5.12
C ILE B 56 -2.56 -1.68 -5.41
N THR B 57 -3.59 -1.35 -6.18
CA THR B 57 -3.92 0.02 -6.57
C THR B 57 -5.14 0.56 -5.85
N LEU B 58 -5.68 -0.19 -4.90
CA LEU B 58 -6.89 0.26 -4.24
C LEU B 58 -6.56 1.36 -3.25
N PRO B 59 -7.22 2.52 -3.37
CA PRO B 59 -6.82 3.64 -2.51
C PRO B 59 -7.06 3.38 -1.04
N TYR B 60 -8.05 2.57 -0.67
CA TYR B 60 -8.43 2.43 0.73
C TYR B 60 -8.36 0.98 1.21
N PHE B 61 -7.56 0.19 0.52
CA PHE B 61 -7.19 -1.12 1.01
C PHE B 61 -5.73 -1.30 0.63
N ASN B 62 -4.84 -1.37 1.60
CA ASN B 62 -3.40 -1.33 1.33
C ASN B 62 -2.91 -2.71 0.97
N GLY B 63 -2.79 -2.96 -0.33
CA GLY B 63 -2.47 -4.30 -0.81
C GLY B 63 -1.12 -4.80 -0.36
N PHE B 64 -0.12 -3.91 -0.27
CA PHE B 64 1.19 -4.34 0.17
C PHE B 64 1.19 -4.67 1.66
N TYR B 65 0.49 -3.85 2.46
CA TYR B 65 0.34 -4.15 3.88
C TYR B 65 -0.29 -5.52 4.07
N TRP B 66 -1.39 -5.77 3.38
CA TRP B 66 -2.13 -7.00 3.61
C TRP B 66 -1.39 -8.21 3.06
N THR B 67 -0.62 -8.04 2.00
CA THR B 67 0.22 -9.13 1.52
C THR B 67 1.22 -9.51 2.59
N ALA B 68 1.82 -8.52 3.22
CA ALA B 68 2.80 -8.78 4.28
C ALA B 68 2.15 -9.49 5.45
N GLU B 69 0.92 -9.08 5.81
CA GLU B 69 0.20 -9.79 6.86
C GLU B 69 -0.08 -11.25 6.50
N LEU B 70 -0.51 -11.49 5.26
CA LEU B 70 -0.83 -12.84 4.82
C LEU B 70 0.42 -13.71 4.79
N ARG B 71 1.56 -13.12 4.45
CA ARG B 71 2.81 -13.86 4.36
C ARG B 71 3.32 -14.32 5.72
N LYS B 72 2.68 -13.87 6.80
CA LYS B 72 3.04 -14.39 8.13
C LYS B 72 2.48 -15.79 8.35
N PHE B 73 1.52 -16.21 7.53
CA PHE B 73 0.96 -17.56 7.70
C PHE B 73 0.59 -18.29 6.40
N LEU B 74 0.72 -17.65 5.24
CA LEU B 74 0.47 -18.32 3.94
C LEU B 74 1.69 -18.33 3.04
N THR B 75 1.91 -19.47 2.35
CA THR B 75 2.97 -19.58 1.35
C THR B 75 2.42 -19.67 -0.08
N ILE B 76 1.10 -19.58 -0.23
CA ILE B 76 0.49 -19.73 -1.55
C ILE B 76 0.91 -18.59 -2.48
N PRO B 77 0.81 -18.83 -3.80
CA PRO B 77 1.16 -17.72 -4.71
C PRO B 77 0.21 -16.55 -4.60
N ILE B 78 0.78 -15.35 -4.71
CA ILE B 78 0.02 -14.12 -4.75
C ILE B 78 0.45 -13.36 -5.99
N ILE B 79 -0.50 -13.05 -6.87
CA ILE B 79 -0.22 -12.26 -8.06
C ILE B 79 -0.81 -10.89 -7.86
N PHE B 80 0.01 -9.84 -7.97
CA PHE B 80 -0.48 -8.47 -7.83
C PHE B 80 -1.18 -8.01 -9.09
N ILE B 81 -2.26 -7.26 -8.93
CA ILE B 81 -2.88 -6.55 -10.04
C ILE B 81 -2.48 -5.08 -9.89
N SER B 82 -1.81 -4.55 -10.89
CA SER B 82 -1.33 -3.17 -10.86
C SER B 82 -2.01 -2.38 -11.99
N SER B 83 -1.54 -1.14 -12.19
CA SER B 83 -2.06 -0.28 -13.26
C SER B 83 -0.97 -0.01 -14.28
N SER B 84 -1.34 0.05 -15.55
CA SER B 84 -0.35 0.15 -16.62
C SER B 84 0.46 1.43 -16.60
N ASN B 85 -0.06 2.47 -15.95
CA ASN B 85 0.66 3.72 -15.86
C ASN B 85 1.43 3.92 -14.54
N ASP B 86 1.29 2.98 -13.60
CA ASP B 86 2.03 3.13 -12.34
C ASP B 86 3.43 2.53 -12.48
N GLU B 87 4.24 2.64 -11.44
CA GLU B 87 5.66 2.33 -11.55
C GLU B 87 5.95 0.89 -11.19
N MET B 88 4.93 0.04 -11.18
CA MET B 88 5.13 -1.33 -10.75
C MET B 88 5.97 -2.14 -11.72
N ASP B 89 7.02 -2.76 -11.20
CA ASP B 89 7.79 -3.73 -11.99
C ASP B 89 8.00 -5.00 -11.18
N MET B 90 8.70 -5.97 -11.75
CA MET B 90 8.88 -7.24 -11.08
C MET B 90 9.75 -7.17 -9.82
N VAL B 91 10.74 -6.28 -9.79
CA VAL B 91 11.53 -6.12 -8.60
C VAL B 91 10.65 -5.77 -7.40
N MET B 92 9.76 -4.81 -7.63
CA MET B 92 8.82 -4.37 -6.61
C MET B 92 7.87 -5.50 -6.20
N ALA B 93 7.29 -6.17 -7.20
CA ALA B 93 6.39 -7.28 -6.92
C ALA B 93 7.04 -8.30 -5.99
N LEU B 94 8.24 -8.76 -6.32
CA LEU B 94 8.91 -9.76 -5.50
C LEU B 94 9.32 -9.23 -4.14
N ASN B 95 9.78 -7.98 -4.09
CA ASN B 95 10.24 -7.41 -2.84
C ASN B 95 9.07 -7.27 -1.85
N MET B 96 7.86 -7.08 -2.37
CA MET B 96 6.69 -6.89 -1.50
C MET B 96 5.94 -8.19 -1.22
N GLY B 97 6.50 -9.33 -1.60
CA GLY B 97 5.94 -10.60 -1.20
C GLY B 97 5.06 -11.26 -2.24
N GLY B 98 4.95 -10.65 -3.41
CA GLY B 98 4.18 -11.24 -4.50
C GLY B 98 5.06 -12.16 -5.31
N ASP B 99 4.43 -12.94 -6.18
CA ASP B 99 5.15 -13.88 -7.03
C ASP B 99 5.17 -13.47 -8.49
N ASP B 100 4.31 -12.53 -8.84
CA ASP B 100 4.15 -12.09 -10.24
C ASP B 100 3.26 -10.87 -10.17
N PHE B 101 3.06 -10.19 -11.29
CA PHE B 101 2.06 -9.14 -11.34
C PHE B 101 1.48 -9.07 -12.73
N ILE B 102 0.31 -8.47 -12.82
CA ILE B 102 -0.33 -8.23 -14.09
C ILE B 102 -0.95 -6.85 -14.04
N SER B 103 -0.80 -6.11 -15.14
CA SER B 103 -1.17 -4.72 -15.11
C SER B 103 -2.46 -4.44 -15.88
N LYS B 104 -3.36 -3.68 -15.28
CA LYS B 104 -4.61 -3.27 -15.93
C LYS B 104 -4.37 -2.21 -16.99
N PRO B 105 -5.05 -2.30 -18.15
CA PRO B 105 -5.93 -3.39 -18.59
C PRO B 105 -5.11 -4.57 -19.09
N PHE B 106 -5.52 -5.78 -18.78
CA PHE B 106 -4.71 -6.91 -19.21
C PHE B 106 -5.48 -7.91 -20.05
N SER B 107 -4.70 -8.69 -20.78
CA SER B 107 -5.19 -9.78 -21.62
C SER B 107 -5.63 -10.96 -20.76
N LEU B 108 -6.81 -11.51 -21.03
CA LEU B 108 -7.23 -12.69 -20.30
C LEU B 108 -6.37 -13.91 -20.63
N ALA B 109 -5.83 -13.94 -21.84
CA ALA B 109 -4.92 -15.01 -22.24
C ALA B 109 -3.64 -14.96 -21.42
N VAL B 110 -3.15 -13.76 -21.14
CA VAL B 110 -1.97 -13.61 -20.29
C VAL B 110 -2.32 -14.06 -18.88
N LEU B 111 -3.47 -13.66 -18.36
CA LEU B 111 -3.85 -14.10 -17.02
C LEU B 111 -3.94 -15.62 -16.96
N ASP B 112 -4.56 -16.22 -17.97
CA ASP B 112 -4.72 -17.68 -17.98
C ASP B 112 -3.37 -18.36 -17.98
N ALA B 113 -2.44 -17.83 -18.76
CA ALA B 113 -1.12 -18.42 -18.84
C ALA B 113 -0.40 -18.30 -17.50
N LYS B 114 -0.55 -17.14 -16.85
CA LYS B 114 0.07 -16.93 -15.55
C LYS B 114 -0.51 -17.86 -14.49
N LEU B 115 -1.82 -18.05 -14.51
CA LEU B 115 -2.50 -18.92 -13.53
C LEU B 115 -2.08 -20.36 -13.71
N THR B 116 -2.10 -20.84 -14.94
CA THR B 116 -1.64 -22.19 -15.25
C THR B 116 -0.20 -22.42 -14.79
N ALA B 117 0.68 -21.47 -15.10
CA ALA B 117 2.10 -21.66 -14.80
C ALA B 117 2.37 -21.71 -13.30
N ILE B 118 1.74 -20.83 -12.53
CA ILE B 118 2.12 -20.69 -11.14
C ILE B 118 1.31 -21.63 -10.23
N LEU B 119 0.27 -22.24 -10.79
CA LEU B 119 -0.48 -23.26 -10.05
C LEU B 119 0.00 -24.65 -10.45
N ARG B 120 1.13 -24.70 -11.13
CA ARG B 120 1.67 -25.96 -11.63
C ARG B 120 2.64 -26.62 -10.65
C1 EDO C . -8.43 9.30 -6.19
O1 EDO C . -8.37 7.86 -6.16
C2 EDO C . -7.15 9.84 -6.82
O2 EDO C . -7.18 11.27 -6.80
C1 EDO D . -6.09 3.99 7.51
O1 EDO D . -6.03 2.59 7.80
C2 EDO D . -7.54 4.49 7.48
O2 EDO D . -8.21 4.07 8.67
C1 EDO E . -5.80 17.15 13.61
O1 EDO E . -6.59 16.76 12.49
C2 EDO E . -4.62 18.01 13.14
O2 EDO E . -5.13 19.25 12.65
C1 EDO F . -5.34 20.00 8.13
O1 EDO F . -5.07 20.41 6.79
C2 EDO F . -5.75 18.53 8.14
O2 EDO F . -6.26 18.17 9.43
C1 EDO G . -2.69 17.36 -3.85
O1 EDO G . -2.78 16.71 -5.11
C2 EDO G . -1.47 18.26 -3.84
O2 EDO G . -1.58 19.27 -4.85
C1 EDO H . 2.66 22.44 -0.16
O1 EDO H . 3.08 21.07 -0.21
C2 EDO H . 1.65 22.66 -1.27
O2 EDO H . 0.51 21.82 -1.05
C1 EDO I . -4.94 11.50 12.30
O1 EDO I . -5.72 10.36 11.95
C2 EDO I . -5.77 12.50 13.11
O2 EDO I . -5.80 12.15 14.50
C1 EDO J . -8.84 10.98 11.86
O1 EDO J . -8.61 9.57 11.76
C2 EDO J . -10.28 11.22 12.29
O2 EDO J . -10.50 12.63 12.46
C1 EDO K . 3.42 -2.28 11.68
O1 EDO K . 3.14 -2.79 10.37
C2 EDO K . 2.43 -1.17 12.00
O2 EDO K . 1.08 -1.66 11.92
C1 EDO L . 3.96 -2.88 3.47
O1 EDO L . 5.23 -3.27 4.00
C2 EDO L . 3.21 -2.15 4.56
O2 EDO L . 3.22 -2.94 5.76
C1 EDO M . 7.00 4.11 16.75
O1 EDO M . 5.86 3.63 17.48
C2 EDO M . 7.61 5.30 17.47
O2 EDO M . 7.10 5.36 18.81
C1 EDO N . -0.70 23.69 -3.52
O1 EDO N . -0.54 22.26 -3.56
C2 EDO N . -1.41 24.07 -2.23
O2 EDO N . -2.12 25.30 -2.37
C1 EDO O . 2.60 0.30 15.65
O1 EDO O . 3.28 -0.79 14.99
C2 EDO O . 1.91 1.17 14.62
O2 EDO O . 0.50 1.26 14.89
C1 EDO P . 20.18 16.15 3.65
O1 EDO P . 19.62 14.98 4.27
C2 EDO P . 19.13 16.82 2.78
O2 EDO P . 19.74 17.81 1.94
C1 EDO Q . 5.26 17.66 -9.61
O1 EDO Q . 6.60 17.38 -10.03
C2 EDO Q . 4.70 18.80 -10.44
O2 EDO Q . 5.60 19.92 -10.36
C1 EDO R . 3.15 12.83 -13.32
O1 EDO R . 1.92 12.73 -14.07
C2 EDO R . 3.71 14.23 -13.43
O2 EDO R . 2.73 15.19 -13.01
C1 EDO S . 3.35 25.20 17.35
O1 EDO S . 4.59 24.90 16.66
C2 EDO S . 2.19 24.66 16.54
O2 EDO S . 1.95 25.57 15.47
C1 EDO T . 20.47 1.55 2.29
O1 EDO T . 19.86 0.89 1.19
C2 EDO T . 19.54 2.63 2.83
O2 EDO T . 19.01 2.17 4.08
C1 EDO U . -8.51 -20.61 -17.90
O1 EDO U . -7.58 -20.06 -16.97
C2 EDO U . -9.93 -20.41 -17.37
O2 EDO U . -10.82 -21.31 -18.03
C1 EDO V . 9.02 -5.24 -15.81
O1 EDO V . 9.38 -5.77 -14.54
C2 EDO V . 7.75 -5.90 -16.30
O2 EDO V . 7.92 -7.32 -16.28
C1 EDO W . -8.43 -8.49 9.26
O1 EDO W . -9.14 -8.64 8.01
C2 EDO W . -8.79 -7.15 9.88
O2 EDO W . -9.91 -7.30 10.76
C1 EDO X . -10.23 -0.20 -8.87
O1 EDO X . -9.39 -1.29 -9.31
C2 EDO X . -9.50 0.67 -7.85
O2 EDO X . -8.23 1.03 -8.39
C1 EDO Y . -17.98 -13.53 -3.02
O1 EDO Y . -17.44 -14.05 -4.24
C2 EDO Y . -19.03 -12.46 -3.33
O2 EDO Y . -18.43 -11.17 -3.24
C1 EDO Z . -17.41 -0.64 -11.29
O1 EDO Z . -16.65 0.01 -12.31
C2 EDO Z . -16.94 -0.16 -9.92
O2 EDO Z . -17.39 -1.08 -8.92
C1 EDO AA . -11.92 -0.34 -1.19
O1 EDO AA . -12.37 0.58 -0.19
C2 EDO AA . -10.44 -0.09 -1.51
O2 EDO AA . -10.22 1.22 -2.03
C1 EDO BA . -16.41 -20.29 -9.39
O1 EDO BA . -16.71 -20.51 -8.01
C2 EDO BA . -16.89 -18.91 -9.79
O2 EDO BA . -16.28 -18.55 -11.03
C1 EDO CA . -7.37 -12.31 -24.10
O1 EDO CA . -7.21 -13.05 -25.32
C2 EDO CA . -8.23 -11.06 -24.34
O2 EDO CA . -8.46 -10.37 -23.11
C1 EDO DA . -4.15 -7.77 10.80
O1 EDO DA . -3.52 -8.97 10.34
C2 EDO DA . -3.40 -7.25 12.03
O2 EDO DA . -3.61 -8.10 13.16
C1 EDO EA . 5.37 -9.20 -16.71
O1 EDO EA . 5.50 -10.41 -15.96
C2 EDO EA . 4.18 -8.40 -16.17
O2 EDO EA . 3.01 -9.23 -16.23
C1 EDO FA . 6.95 -17.18 2.25
O1 EDO FA . 6.11 -16.75 1.18
C2 EDO FA . 6.21 -17.03 3.58
O2 EDO FA . 6.31 -15.67 4.02
C1 EDO GA . 3.94 -6.38 8.30
O1 EDO GA . 2.58 -6.20 7.89
C2 EDO GA . 4.50 -5.03 8.71
O2 EDO GA . 3.88 -4.00 7.94
C1 EDO HA . -18.29 -0.63 11.07
O1 EDO HA . -18.10 -0.63 12.50
C2 EDO HA . -19.77 -0.43 10.79
O2 EDO HA . -20.38 0.16 11.94
C1 EDO IA . 15.00 -8.03 -7.93
O1 EDO IA . 16.39 -7.86 -7.62
C2 EDO IA . 14.36 -9.08 -7.02
O2 EDO IA . 13.38 -8.49 -6.17
C1 EDO JA . -8.65 -4.88 -16.52
O1 EDO JA . -8.50 -5.84 -17.58
C2 EDO JA . -9.58 -3.76 -17.01
O2 EDO JA . -8.95 -2.49 -16.75
C1 EDO KA . -7.90 -17.26 -23.63
O1 EDO KA . -7.11 -17.94 -22.64
C2 EDO KA . -8.58 -16.05 -23.01
O2 EDO KA . -9.04 -15.16 -24.05
C1 EDO LA . 3.53 -4.45 -18.17
O1 EDO LA . 2.97 -5.54 -17.41
C2 EDO LA . 2.90 -3.14 -17.72
O2 EDO LA . 3.81 -2.42 -16.88
C1 EDO MA . -17.29 -4.28 -0.50
O1 EDO MA . -17.37 -5.50 -1.25
C2 EDO MA . -17.73 -4.52 0.95
O2 EDO MA . -16.98 -3.71 1.86
C1 EDO NA . -3.11 -11.87 14.56
O1 EDO NA . -2.16 -12.60 15.35
C2 EDO NA . -4.42 -11.78 15.32
O2 EDO NA . -5.52 -11.80 14.40
C1 EDO OA . 5.85 -27.00 -2.28
O1 EDO OA . 5.21 -25.77 -2.65
C2 EDO OA . 5.83 -27.14 -0.76
O2 EDO OA . 4.48 -27.05 -0.29
#